data_4CST
#
_entry.id   4CST
#
_cell.length_a   48.840
_cell.length_b   55.890
_cell.length_c   61.000
_cell.angle_alpha   90.00
_cell.angle_beta   90.00
_cell.angle_gamma   90.00
#
_symmetry.space_group_name_H-M   'P 21 21 21'
#
loop_
_entity.id
_entity.type
_entity.pdbx_description
1 polymer 'PROTEIN FIMH'
2 non-polymer "3'-chloro-4'-(alpha-D-mannopyranosyloxy)biphenyl-4-carbonitrile"
3 water water
#
_entity_poly.entity_id   1
_entity_poly.type   'polypeptide(L)'
_entity_poly.pdbx_seq_one_letter_code
;FACKTANGTAIPIGGGSANVYVNLAPVVNVGQNLVVDLSTQIFCHNDYPETITDYVTLQRGSAYGGVLSNFSGTVKYSGS
SYPFPTTSETPRVVYNSRTDKPWPVALYLTPVSSAGGVAIKAGSLIAVLILRQTNNYNSDDFQFVWNIYANNDVVVPTGL
VPR
;
_entity_poly.pdbx_strand_id   A
#
# COMPACT_ATOMS: atom_id res chain seq x y z
N PHE A 1 9.29 15.80 4.40
CA PHE A 1 8.89 14.43 4.03
C PHE A 1 7.93 14.49 2.87
N ALA A 2 8.23 13.75 1.80
CA ALA A 2 7.37 13.71 0.63
C ALA A 2 7.61 12.38 -0.06
N CYS A 3 6.73 12.04 -1.01
CA CYS A 3 6.73 10.73 -1.63
C CYS A 3 6.50 10.84 -3.14
N LYS A 4 6.89 9.77 -3.83
CA LYS A 4 6.75 9.66 -5.27
C LYS A 4 6.34 8.24 -5.63
N THR A 5 5.85 8.10 -6.87
CA THR A 5 5.39 6.80 -7.33
C THR A 5 6.10 6.31 -8.59
N ALA A 6 5.94 5.04 -8.86
CA ALA A 6 6.46 4.41 -10.07
C ALA A 6 5.68 4.81 -11.31
N ASN A 7 4.58 5.54 -11.17
CA ASN A 7 3.90 6.07 -12.33
C ASN A 7 4.12 7.55 -12.52
N GLY A 8 5.16 8.08 -11.86
CA GLY A 8 5.61 9.43 -12.13
C GLY A 8 4.80 10.54 -11.48
N THR A 9 4.07 10.22 -10.43
CA THR A 9 3.34 11.24 -9.68
C THR A 9 3.92 11.33 -8.29
N ALA A 10 3.40 12.28 -7.53
CA ALA A 10 4.02 12.68 -6.28
C ALA A 10 2.95 13.05 -5.28
N ILE A 11 3.32 13.08 -4.01
CA ILE A 11 2.55 13.76 -2.97
C ILE A 11 3.57 14.61 -2.20
N PRO A 12 3.33 15.92 -2.10
CA PRO A 12 4.31 16.82 -1.46
C PRO A 12 4.23 16.79 0.05
N ILE A 13 5.11 17.57 0.65
CA ILE A 13 5.02 17.92 2.06
C ILE A 13 3.58 18.24 2.39
N GLY A 14 3.11 17.72 3.52
CA GLY A 14 1.77 17.97 4.00
C GLY A 14 0.76 16.93 3.60
N GLY A 15 1.13 15.99 2.74
CA GLY A 15 0.23 14.93 2.34
C GLY A 15 -0.71 15.31 1.22
N GLY A 16 -1.67 14.44 0.97
CA GLY A 16 -2.50 14.52 -0.21
C GLY A 16 -2.76 13.13 -0.73
N SER A 17 -3.10 13.06 -2.01
N SER A 17 -3.07 13.02 -2.02
CA SER A 17 -3.50 11.81 -2.66
CA SER A 17 -3.42 11.73 -2.58
C SER A 17 -2.69 11.53 -3.93
C SER A 17 -2.77 11.52 -3.95
N ALA A 18 -2.62 10.25 -4.27
CA ALA A 18 -2.06 9.84 -5.54
C ALA A 18 -2.65 8.51 -5.95
N ASN A 19 -2.58 8.25 -7.24
CA ASN A 19 -2.95 6.98 -7.82
C ASN A 19 -1.72 6.16 -8.13
N VAL A 20 -1.84 4.85 -7.90
CA VAL A 20 -0.79 3.87 -8.12
C VAL A 20 -1.38 2.74 -8.96
N TYR A 21 -0.66 2.36 -10.02
CA TYR A 21 -1.12 1.34 -10.96
C TYR A 21 -0.21 0.13 -10.88
N VAL A 22 -0.78 -1.03 -10.58
CA VAL A 22 0.01 -2.22 -10.30
C VAL A 22 -0.29 -3.32 -11.30
N ASN A 23 0.78 -3.98 -11.74
CA ASN A 23 0.66 -5.21 -12.50
C ASN A 23 0.48 -6.36 -11.53
N LEU A 24 -0.49 -7.21 -11.81
CA LEU A 24 -0.85 -8.30 -10.92
C LEU A 24 -0.67 -9.63 -11.65
N ALA A 25 -0.28 -10.65 -10.92
CA ALA A 25 -0.24 -11.99 -11.50
C ALA A 25 -1.58 -12.30 -12.14
N PRO A 26 -1.58 -12.85 -13.37
CA PRO A 26 -2.88 -12.99 -14.04
C PRO A 26 -3.70 -14.17 -13.54
N VAL A 27 -3.08 -15.11 -12.83
CA VAL A 27 -3.77 -16.29 -12.32
C VAL A 27 -3.39 -16.46 -10.87
N VAL A 28 -4.40 -16.62 -10.01
CA VAL A 28 -4.16 -16.97 -8.62
C VAL A 28 -5.18 -18.02 -8.22
N ASN A 29 -4.69 -19.13 -7.66
CA ASN A 29 -5.58 -20.21 -7.25
C ASN A 29 -6.08 -20.05 -5.84
N VAL A 30 -7.23 -20.63 -5.58
CA VAL A 30 -7.64 -20.83 -4.19
C VAL A 30 -6.50 -21.51 -3.45
N GLY A 31 -6.26 -21.06 -2.21
CA GLY A 31 -5.17 -21.60 -1.43
C GLY A 31 -3.81 -21.01 -1.69
N GLN A 32 -3.76 -20.03 -2.59
N GLN A 32 -3.74 -20.02 -2.56
CA GLN A 32 -2.55 -19.28 -2.94
CA GLN A 32 -2.48 -19.33 -2.86
C GLN A 32 -2.72 -17.81 -2.65
C GLN A 32 -2.71 -17.82 -2.78
N ASN A 33 -1.61 -17.08 -2.67
CA ASN A 33 -1.62 -15.64 -2.50
C ASN A 33 -1.30 -14.88 -3.76
N LEU A 34 -2.09 -13.84 -4.01
CA LEU A 34 -1.79 -12.79 -4.96
C LEU A 34 -1.01 -11.74 -4.19
N VAL A 35 0.21 -11.46 -4.63
CA VAL A 35 1.06 -10.50 -3.97
C VAL A 35 0.95 -9.16 -4.66
N VAL A 36 0.67 -8.12 -3.88
CA VAL A 36 0.63 -6.76 -4.39
C VAL A 36 1.71 -5.98 -3.66
N ASP A 37 2.89 -5.88 -4.27
CA ASP A 37 4.06 -5.33 -3.59
C ASP A 37 4.11 -3.84 -3.89
N LEU A 38 3.90 -3.00 -2.90
N LEU A 38 3.85 -3.02 -2.89
CA LEU A 38 3.95 -1.57 -3.15
CA LEU A 38 3.90 -1.57 -3.06
C LEU A 38 5.31 -0.98 -2.82
C LEU A 38 5.30 -1.01 -2.88
N SER A 39 6.26 -1.82 -2.44
CA SER A 39 7.62 -1.34 -2.23
C SER A 39 8.34 -0.99 -3.53
N THR A 40 7.81 -1.46 -4.66
CA THR A 40 8.31 -1.07 -5.99
C THR A 40 7.45 0.04 -6.61
N GLN A 41 6.52 0.58 -5.84
CA GLN A 41 5.56 1.55 -6.34
C GLN A 41 5.59 2.89 -5.63
N ILE A 42 5.88 2.89 -4.33
CA ILE A 42 5.76 4.07 -3.48
C ILE A 42 7.09 4.25 -2.74
N PHE A 43 7.64 5.46 -2.83
CA PHE A 43 8.92 5.78 -2.26
C PHE A 43 8.82 7.12 -1.56
N CYS A 44 9.48 7.26 -0.42
CA CYS A 44 9.44 8.50 0.34
C CYS A 44 10.83 8.86 0.83
N HIS A 45 10.96 10.09 1.35
CA HIS A 45 12.22 10.51 1.93
C HIS A 45 11.97 11.59 2.97
N ASN A 46 12.99 11.82 3.79
CA ASN A 46 13.04 12.85 4.83
C ASN A 46 13.76 14.07 4.26
N ASP A 47 13.15 15.23 4.43
CA ASP A 47 13.69 16.48 3.86
C ASP A 47 14.69 17.21 4.75
N TYR A 48 14.86 16.76 5.99
N TYR A 48 14.88 16.77 5.98
CA TYR A 48 15.76 17.42 6.95
CA TYR A 48 15.89 17.43 6.80
C TYR A 48 16.29 16.39 7.94
C TYR A 48 16.40 16.49 7.87
N PRO A 49 17.03 15.39 7.43
CA PRO A 49 17.39 14.30 8.35
C PRO A 49 18.47 14.67 9.34
N GLU A 50 19.16 15.78 9.11
CA GLU A 50 20.19 16.28 10.02
C GLU A 50 19.62 16.53 11.41
N THR A 51 18.36 16.92 11.49
N THR A 51 18.35 16.91 11.46
CA THR A 51 17.77 17.22 12.80
CA THR A 51 17.69 17.35 12.69
C THR A 51 16.35 16.68 13.03
C THR A 51 16.45 16.54 13.02
N ILE A 52 15.73 16.12 12.00
CA ILE A 52 14.39 15.57 12.15
C ILE A 52 14.38 14.08 11.82
N THR A 53 13.68 13.30 12.62
CA THR A 53 13.39 11.91 12.31
C THR A 53 11.91 11.83 11.96
N ASP A 54 11.60 11.23 10.80
CA ASP A 54 10.23 11.02 10.36
C ASP A 54 9.77 9.62 10.74
N TYR A 55 8.50 9.53 11.12
CA TYR A 55 7.86 8.28 11.52
C TYR A 55 6.68 8.03 10.60
N VAL A 56 6.58 6.81 10.09
CA VAL A 56 5.61 6.49 9.06
C VAL A 56 4.89 5.20 9.37
N THR A 57 3.58 5.25 9.41
CA THR A 57 2.75 4.06 9.65
C THR A 57 1.84 3.80 8.44
N LEU A 58 1.33 2.59 8.38
CA LEU A 58 0.12 2.29 7.61
C LEU A 58 -1.03 2.51 8.58
N GLN A 59 -1.74 3.62 8.40
CA GLN A 59 -2.82 3.99 9.30
C GLN A 59 -4.08 3.16 9.03
N ARG A 60 -4.38 2.93 7.75
CA ARG A 60 -5.57 2.24 7.36
C ARG A 60 -5.37 1.67 5.96
N GLY A 61 -5.85 0.46 5.75
CA GLY A 61 -5.88 -0.17 4.45
C GLY A 61 -7.27 -0.73 4.24
N SER A 62 -7.88 -0.33 3.13
CA SER A 62 -9.25 -0.71 2.79
C SER A 62 -9.23 -1.40 1.44
N ALA A 63 -10.12 -2.37 1.27
CA ALA A 63 -10.30 -3.14 0.04
C ALA A 63 -11.49 -2.62 -0.76
N TYR A 64 -11.38 -2.73 -2.07
CA TYR A 64 -12.43 -2.31 -3.00
C TYR A 64 -12.63 -3.33 -4.09
N GLY A 65 -13.79 -3.24 -4.74
CA GLY A 65 -14.03 -3.99 -5.96
C GLY A 65 -13.87 -5.47 -5.80
N GLY A 66 -13.13 -6.07 -6.73
CA GLY A 66 -12.93 -7.50 -6.72
C GLY A 66 -12.10 -8.00 -5.55
N VAL A 67 -11.24 -7.16 -4.99
CA VAL A 67 -10.51 -7.58 -3.81
C VAL A 67 -11.47 -7.66 -2.63
N LEU A 68 -12.32 -6.66 -2.46
CA LEU A 68 -13.31 -6.66 -1.39
C LEU A 68 -14.26 -7.85 -1.49
N SER A 69 -14.68 -8.15 -2.72
N SER A 69 -14.68 -8.20 -2.71
CA SER A 69 -15.66 -9.22 -2.97
CA SER A 69 -15.68 -9.25 -2.84
C SER A 69 -15.05 -10.63 -2.87
C SER A 69 -15.12 -10.67 -3.01
N ASN A 70 -13.88 -10.81 -3.47
CA ASN A 70 -13.37 -12.12 -3.82
C ASN A 70 -12.13 -12.59 -3.07
N PHE A 71 -11.56 -11.76 -2.19
CA PHE A 71 -10.32 -12.10 -1.53
C PHE A 71 -10.40 -11.80 -0.03
N SER A 72 -9.55 -12.48 0.73
CA SER A 72 -9.21 -12.09 2.09
C SER A 72 -7.67 -12.03 2.17
N GLY A 73 -7.10 -11.70 3.32
CA GLY A 73 -5.67 -11.89 3.53
C GLY A 73 -5.06 -10.91 4.48
N THR A 74 -3.81 -10.55 4.18
CA THR A 74 -2.97 -9.81 5.12
C THR A 74 -2.23 -8.71 4.38
N VAL A 75 -1.67 -7.80 5.19
CA VAL A 75 -0.72 -6.81 4.72
C VAL A 75 0.54 -7.00 5.53
N LYS A 76 1.67 -7.04 4.83
CA LYS A 76 2.97 -7.10 5.45
C LYS A 76 3.55 -5.68 5.43
N TYR A 77 3.89 -5.19 6.63
CA TYR A 77 4.45 -3.86 6.80
C TYR A 77 5.75 -4.01 7.55
N SER A 78 6.84 -3.71 6.87
CA SER A 78 8.18 -3.78 7.47
C SER A 78 8.40 -5.09 8.21
N GLY A 79 8.08 -6.19 7.56
CA GLY A 79 8.46 -7.49 8.08
C GLY A 79 7.43 -8.18 8.97
N SER A 80 6.37 -7.50 9.41
CA SER A 80 5.33 -8.13 10.20
C SER A 80 4.04 -8.05 9.42
N SER A 81 3.19 -9.05 9.60
CA SER A 81 1.92 -9.13 8.88
C SER A 81 0.73 -8.87 9.81
N TYR A 82 -0.32 -8.31 9.21
CA TYR A 82 -1.53 -7.89 9.91
C TYR A 82 -2.71 -8.22 9.02
N PRO A 83 -3.92 -8.35 9.58
CA PRO A 83 -5.08 -8.54 8.71
C PRO A 83 -5.27 -7.40 7.72
N PHE A 84 -5.79 -7.74 6.56
CA PHE A 84 -6.17 -6.76 5.54
C PHE A 84 -7.54 -7.17 5.00
N PRO A 85 -8.53 -6.26 4.98
CA PRO A 85 -8.51 -4.86 5.42
C PRO A 85 -8.06 -4.71 6.87
N THR A 86 -7.42 -3.59 7.15
CA THR A 86 -6.77 -3.40 8.42
C THR A 86 -7.74 -3.15 9.56
N THR A 87 -7.29 -3.49 10.75
CA THR A 87 -8.09 -3.35 11.97
C THR A 87 -7.43 -2.46 13.03
N SER A 88 -6.24 -1.94 12.76
CA SER A 88 -5.57 -1.00 13.64
C SER A 88 -4.49 -0.32 12.82
N GLU A 89 -3.80 0.66 13.41
CA GLU A 89 -2.65 1.31 12.82
C GLU A 89 -1.39 0.50 13.14
N THR A 90 -0.47 0.37 12.17
CA THR A 90 0.75 -0.36 12.38
C THR A 90 1.74 0.41 13.25
N PRO A 91 2.79 -0.28 13.71
CA PRO A 91 3.96 0.43 14.23
C PRO A 91 4.60 1.31 13.16
N ARG A 92 5.52 2.14 13.62
CA ARG A 92 6.22 3.11 12.77
C ARG A 92 7.47 2.55 12.14
N VAL A 93 7.75 3.04 10.94
CA VAL A 93 9.02 2.88 10.26
C VAL A 93 9.67 4.26 10.26
N VAL A 94 10.98 4.29 10.52
CA VAL A 94 11.74 5.53 10.51
C VAL A 94 12.26 5.85 9.11
N TYR A 95 12.10 7.11 8.72
CA TYR A 95 12.74 7.67 7.52
C TYR A 95 13.74 8.71 8.00
N ASN A 96 15.01 8.51 7.65
CA ASN A 96 16.12 9.31 8.19
C ASN A 96 17.16 9.64 7.13
N SER A 97 16.74 9.74 5.88
CA SER A 97 17.64 10.05 4.77
C SER A 97 16.89 10.82 3.70
N ARG A 98 17.61 11.67 3.00
CA ARG A 98 17.06 12.34 1.82
C ARG A 98 16.93 11.40 0.63
N THR A 99 17.64 10.28 0.65
CA THR A 99 17.54 9.32 -0.44
C THR A 99 16.17 8.61 -0.43
N ASP A 100 15.59 8.43 -1.61
CA ASP A 100 14.33 7.68 -1.73
C ASP A 100 14.45 6.34 -1.01
N LYS A 101 13.42 5.98 -0.26
CA LYS A 101 13.35 4.70 0.42
C LYS A 101 11.94 4.13 0.16
N PRO A 102 11.86 2.86 -0.25
CA PRO A 102 10.54 2.27 -0.49
C PRO A 102 9.67 2.32 0.75
N TRP A 103 8.37 2.40 0.54
CA TRP A 103 7.39 2.18 1.61
C TRP A 103 7.16 0.66 1.68
N PRO A 104 7.53 0.01 2.81
CA PRO A 104 7.65 -1.44 2.81
C PRO A 104 6.32 -2.15 3.10
N VAL A 105 5.41 -2.03 2.14
CA VAL A 105 4.06 -2.55 2.22
C VAL A 105 3.82 -3.54 1.09
N ALA A 106 3.25 -4.70 1.42
CA ALA A 106 2.79 -5.63 0.40
C ALA A 106 1.52 -6.31 0.89
N LEU A 107 0.56 -6.44 -0.01
CA LEU A 107 -0.66 -7.18 0.29
C LEU A 107 -0.51 -8.63 -0.14
N TYR A 108 -1.03 -9.55 0.67
CA TYR A 108 -1.05 -10.98 0.37
C TYR A 108 -2.51 -11.39 0.39
N LEU A 109 -3.08 -11.53 -0.81
CA LEU A 109 -4.52 -11.66 -0.96
C LEU A 109 -4.85 -13.06 -1.47
N THR A 110 -5.72 -13.78 -0.78
CA THR A 110 -6.04 -15.15 -1.16
C THR A 110 -7.51 -15.23 -1.53
N PRO A 111 -7.85 -15.96 -2.60
CA PRO A 111 -9.26 -16.00 -3.01
C PRO A 111 -10.19 -16.64 -1.96
N VAL A 112 -11.39 -16.09 -1.84
CA VAL A 112 -12.42 -16.71 -1.02
C VAL A 112 -12.92 -17.93 -1.75
N SER A 113 -13.54 -18.82 -0.99
CA SER A 113 -13.79 -20.17 -1.48
C SER A 113 -14.73 -20.17 -2.68
N SER A 114 -15.56 -19.13 -2.76
CA SER A 114 -16.54 -19.03 -3.84
C SER A 114 -16.00 -18.32 -5.07
N ALA A 115 -14.76 -17.83 -5.02
CA ALA A 115 -14.21 -17.05 -6.12
C ALA A 115 -13.99 -17.93 -7.35
N GLY A 116 -14.17 -17.35 -8.53
CA GLY A 116 -13.92 -18.04 -9.78
C GLY A 116 -14.05 -17.09 -10.96
N GLY A 117 -13.25 -17.31 -11.99
CA GLY A 117 -13.32 -16.48 -13.18
C GLY A 117 -12.54 -15.20 -12.98
N VAL A 118 -12.91 -14.13 -13.68
CA VAL A 118 -12.27 -12.83 -13.51
C VAL A 118 -12.70 -12.26 -12.16
N ALA A 119 -11.75 -12.27 -11.25
CA ALA A 119 -11.96 -11.87 -9.87
C ALA A 119 -11.56 -10.45 -9.55
N ILE A 120 -10.67 -9.90 -10.36
CA ILE A 120 -10.30 -8.48 -10.32
C ILE A 120 -10.28 -7.99 -11.74
N LYS A 121 -10.98 -6.90 -12.01
CA LYS A 121 -11.05 -6.36 -13.35
C LYS A 121 -9.94 -5.35 -13.64
N ALA A 122 -9.36 -5.42 -14.84
CA ALA A 122 -8.42 -4.42 -15.28
C ALA A 122 -8.96 -3.03 -15.08
N GLY A 123 -8.11 -2.16 -14.55
CA GLY A 123 -8.45 -0.77 -14.40
C GLY A 123 -9.16 -0.44 -13.10
N SER A 124 -9.58 -1.45 -12.35
CA SER A 124 -10.42 -1.20 -11.18
C SER A 124 -9.60 -0.82 -9.94
N LEU A 125 -10.24 -0.06 -9.08
CA LEU A 125 -9.70 0.25 -7.76
C LEU A 125 -9.72 -1.02 -6.93
N ILE A 126 -8.58 -1.38 -6.35
CA ILE A 126 -8.47 -2.55 -5.49
C ILE A 126 -8.24 -2.24 -4.02
N ALA A 127 -7.67 -1.09 -3.70
CA ALA A 127 -7.34 -0.78 -2.32
C ALA A 127 -7.10 0.71 -2.18
N VAL A 128 -7.28 1.20 -0.95
CA VAL A 128 -6.81 2.53 -0.57
C VAL A 128 -5.97 2.34 0.68
N LEU A 129 -4.73 2.82 0.62
CA LEU A 129 -3.77 2.68 1.72
C LEU A 129 -3.39 4.08 2.21
N ILE A 130 -3.56 4.32 3.50
CA ILE A 130 -3.23 5.61 4.09
C ILE A 130 -1.92 5.49 4.86
N LEU A 131 -0.93 6.25 4.39
CA LEU A 131 0.35 6.39 5.05
C LEU A 131 0.24 7.62 5.96
N ARG A 132 0.54 7.44 7.25
CA ARG A 132 0.52 8.55 8.20
C ARG A 132 1.94 8.90 8.58
N GLN A 133 2.31 10.18 8.40
CA GLN A 133 3.64 10.66 8.70
C GLN A 133 3.58 11.68 9.83
N THR A 134 4.41 11.43 10.83
CA THR A 134 4.68 12.34 11.94
C THR A 134 6.20 12.46 12.08
N ASN A 135 6.68 13.13 13.13
CA ASN A 135 8.11 13.28 13.31
C ASN A 135 8.43 13.52 14.78
N ASN A 136 9.70 13.70 15.10
CA ASN A 136 10.15 13.98 16.47
C ASN A 136 10.48 15.45 16.69
N TYR A 137 9.89 16.33 15.89
CA TYR A 137 10.30 17.72 15.81
C TYR A 137 9.18 18.72 16.09
N ASN A 138 8.02 18.50 15.48
CA ASN A 138 6.88 19.40 15.59
C ASN A 138 5.61 18.54 15.64
N SER A 139 4.46 19.17 15.42
N SER A 139 4.46 19.15 15.45
CA SER A 139 3.17 18.49 15.56
CA SER A 139 3.20 18.43 15.58
C SER A 139 2.58 18.04 14.23
C SER A 139 2.61 17.97 14.25
N ASP A 140 3.39 17.99 13.18
CA ASP A 140 2.91 17.56 11.88
C ASP A 140 2.34 16.15 11.96
N ASP A 141 1.21 15.97 11.31
CA ASP A 141 0.54 14.66 11.29
C ASP A 141 -0.24 14.61 9.99
N PHE A 142 0.38 14.01 8.98
CA PHE A 142 -0.09 14.14 7.62
C PHE A 142 -0.47 12.78 7.02
N GLN A 143 -1.51 12.78 6.20
CA GLN A 143 -1.97 11.59 5.50
C GLN A 143 -1.61 11.65 4.03
N PHE A 144 -0.95 10.60 3.59
CA PHE A 144 -0.57 10.36 2.20
C PHE A 144 -1.46 9.19 1.75
N VAL A 145 -2.43 9.50 0.90
CA VAL A 145 -3.50 8.56 0.53
C VAL A 145 -3.19 7.96 -0.83
N TRP A 146 -3.05 6.63 -0.85
CA TRP A 146 -2.63 5.92 -2.06
C TRP A 146 -3.79 5.08 -2.56
N ASN A 147 -4.30 5.46 -3.74
CA ASN A 147 -5.39 4.75 -4.39
C ASN A 147 -4.78 3.76 -5.37
N ILE A 148 -4.99 2.46 -5.10
CA ILE A 148 -4.30 1.39 -5.83
C ILE A 148 -5.23 0.78 -6.85
N TYR A 149 -4.81 0.82 -8.12
CA TYR A 149 -5.57 0.30 -9.24
C TYR A 149 -4.88 -0.87 -9.90
N ALA A 150 -5.65 -1.85 -10.32
CA ALA A 150 -5.15 -2.98 -11.08
C ALA A 150 -4.93 -2.60 -12.52
N ASN A 151 -3.78 -2.96 -13.09
CA ASN A 151 -3.55 -2.74 -14.51
C ASN A 151 -4.15 -3.83 -15.39
N ASN A 152 -4.48 -4.97 -14.82
CA ASN A 152 -4.88 -6.12 -15.59
C ASN A 152 -5.88 -6.96 -14.82
N ASP A 153 -6.62 -7.79 -15.56
CA ASP A 153 -7.52 -8.77 -14.97
C ASP A 153 -6.71 -9.82 -14.18
N VAL A 154 -7.32 -10.32 -13.12
CA VAL A 154 -6.81 -11.47 -12.38
C VAL A 154 -7.90 -12.52 -12.37
N VAL A 155 -7.53 -13.74 -12.73
CA VAL A 155 -8.41 -14.89 -12.80
C VAL A 155 -8.12 -15.87 -11.70
N VAL A 156 -9.20 -16.42 -11.12
CA VAL A 156 -9.12 -17.52 -10.16
C VAL A 156 -9.66 -18.76 -10.88
N PRO A 157 -8.81 -19.75 -11.16
CA PRO A 157 -9.30 -20.91 -11.90
C PRO A 157 -10.39 -21.65 -11.12
N THR A 158 -11.29 -22.27 -11.88
CA THR A 158 -12.36 -23.12 -11.35
C THR A 158 -11.85 -24.54 -11.22
N GLY A 159 -10.61 -24.76 -11.65
CA GLY A 159 -9.84 -25.90 -11.23
C GLY A 159 -8.52 -25.36 -10.70
#